data_1J1I
#
_entry.id   1J1I
#
_cell.length_a   130.268
_cell.length_b   130.268
_cell.length_c   84.491
_cell.angle_alpha   90.00
_cell.angle_beta   90.00
_cell.angle_gamma   90.00
#
_symmetry.space_group_name_H-M   'I 4 2 2'
#
loop_
_entity.id
_entity.type
_entity.pdbx_description
1 polymer 'meta cleavage compound hydrolase'
2 water water
#
_entity_poly.entity_id   1
_entity_poly.type   'polypeptide(L)'
_entity_poly.pdbx_seq_one_letter_code
;MLNKAEQISEKSERAYVERFVNAGGVETRYLEAGKGQPVILIHGGGAGAESEGNWRNVIPILARHYRVIAMDMLGFGKTA
KPDIEYTQDRRIRHLHDFIKAMNFDGKVSIVGNSMGGATGLGVSVLHSELVNALVLMGSAGLVVEIHEDLRPIINYDFTR
EGMVHLVKALTNDGFKIDDAMINSRYTYATDEATRKAYVATMQWIREQGGLFYDPEFIRKVQVPTLVVQGKDDKVVPVET
AYKFLDLIDDSWGYIIPHCGHWAMIEHPEDFANATLSFLSLRVDITPAAAHHHHHH
;
_entity_poly.pdbx_strand_id   A
#
# COMPACT_ATOMS: atom_id res chain seq x y z
N ALA A 15 -19.34 2.43 7.29
CA ALA A 15 -18.74 1.85 6.06
C ALA A 15 -17.73 0.76 6.39
N TYR A 16 -17.12 0.87 7.57
CA TYR A 16 -16.13 -0.09 8.04
C TYR A 16 -15.88 0.18 9.51
N VAL A 17 -15.35 -0.81 10.21
CA VAL A 17 -15.06 -0.65 11.63
C VAL A 17 -13.57 -0.74 11.90
N GLU A 18 -13.11 -0.04 12.93
CA GLU A 18 -11.70 -0.04 13.29
C GLU A 18 -11.45 -1.11 14.34
N ARG A 19 -10.39 -1.88 14.14
CA ARG A 19 -10.02 -2.98 15.03
C ARG A 19 -8.52 -2.99 15.31
N PHE A 20 -8.13 -3.72 16.35
CA PHE A 20 -6.72 -3.83 16.71
C PHE A 20 -6.40 -5.30 17.01
N VAL A 21 -5.18 -5.71 16.70
CA VAL A 21 -4.76 -7.08 16.93
C VAL A 21 -3.27 -7.12 17.24
N ASN A 22 -2.85 -8.09 18.04
CA ASN A 22 -1.44 -8.23 18.36
C ASN A 22 -0.77 -9.05 17.26
N ALA A 23 0.03 -8.38 16.43
CA ALA A 23 0.71 -9.09 15.34
C ALA A 23 2.13 -9.44 15.74
N GLY A 24 2.28 -10.62 16.36
CA GLY A 24 3.58 -11.08 16.80
C GLY A 24 4.33 -10.13 17.70
N GLY A 25 3.60 -9.37 18.52
CA GLY A 25 4.26 -8.43 19.41
C GLY A 25 4.03 -6.98 19.05
N VAL A 26 3.55 -6.74 17.84
CA VAL A 26 3.28 -5.37 17.40
C VAL A 26 1.77 -5.15 17.30
N GLU A 27 1.21 -4.34 18.20
CA GLU A 27 -0.22 -4.05 18.15
C GLU A 27 -0.44 -3.39 16.79
N THR A 28 -1.47 -3.85 16.07
CA THR A 28 -1.74 -3.35 14.73
C THR A 28 -3.17 -2.91 14.56
N ARG A 29 -3.35 -1.77 13.89
CA ARG A 29 -4.67 -1.22 13.64
C ARG A 29 -5.10 -1.51 12.21
N TYR A 30 -6.35 -1.94 12.05
CA TYR A 30 -6.89 -2.19 10.73
C TYR A 30 -8.33 -1.78 10.62
N LEU A 31 -8.80 -1.62 9.39
CA LEU A 31 -10.18 -1.26 9.09
C LEU A 31 -10.79 -2.51 8.46
N GLU A 32 -12.02 -2.84 8.85
CA GLU A 32 -12.66 -4.02 8.28
C GLU A 32 -14.09 -3.77 7.83
N ALA A 33 -14.45 -4.42 6.72
CA ALA A 33 -15.78 -4.32 6.14
C ALA A 33 -15.99 -5.47 5.16
N GLY A 34 -17.22 -5.96 5.06
CA GLY A 34 -17.51 -7.03 4.13
C GLY A 34 -17.36 -8.46 4.62
N LYS A 35 -17.75 -9.38 3.76
CA LYS A 35 -17.71 -10.81 4.05
C LYS A 35 -17.19 -11.55 2.84
N GLY A 36 -16.67 -12.76 3.07
CA GLY A 36 -16.15 -13.56 1.99
C GLY A 36 -14.64 -13.70 2.02
N GLN A 37 -14.05 -13.94 0.85
CA GLN A 37 -12.60 -14.10 0.74
C GLN A 37 -11.91 -12.85 1.28
N PRO A 38 -10.84 -13.03 2.07
CA PRO A 38 -10.10 -11.89 2.63
C PRO A 38 -9.13 -11.19 1.68
N VAL A 39 -9.22 -9.87 1.68
CA VAL A 39 -8.37 -9.00 0.87
C VAL A 39 -7.77 -7.94 1.78
N ILE A 40 -6.44 -7.87 1.81
CA ILE A 40 -5.74 -6.90 2.64
C ILE A 40 -5.23 -5.73 1.81
N LEU A 41 -5.57 -4.52 2.25
CA LEU A 41 -5.14 -3.31 1.56
C LEU A 41 -4.00 -2.69 2.36
N ILE A 42 -2.90 -2.37 1.68
CA ILE A 42 -1.73 -1.78 2.34
C ILE A 42 -1.44 -0.39 1.77
N HIS A 43 -1.56 0.63 2.62
CA HIS A 43 -1.35 2.02 2.24
C HIS A 43 0.10 2.31 1.80
N GLY A 44 0.29 3.47 1.19
CA GLY A 44 1.63 3.85 0.75
C GLY A 44 2.43 4.54 1.84
N GLY A 45 3.65 4.94 1.49
CA GLY A 45 4.49 5.63 2.45
C GLY A 45 4.09 7.09 2.51
N GLY A 46 4.95 7.91 3.09
CA GLY A 46 4.63 9.33 3.19
C GLY A 46 4.13 9.67 4.58
N ALA A 47 4.45 10.88 5.03
CA ALA A 47 4.04 11.33 6.34
C ALA A 47 2.53 11.38 6.45
N GLY A 48 1.99 10.76 7.51
CA GLY A 48 0.56 10.78 7.72
C GLY A 48 -0.21 9.78 6.86
N ALA A 49 0.50 8.93 6.13
CA ALA A 49 -0.18 7.94 5.30
C ALA A 49 -0.67 6.79 6.17
N GLU A 50 -1.93 6.42 5.98
CA GLU A 50 -2.54 5.32 6.72
C GLU A 50 -3.77 4.79 5.99
N SER A 51 -4.37 3.75 6.54
CA SER A 51 -5.51 3.08 5.93
C SER A 51 -6.77 3.88 5.55
N GLU A 52 -7.25 4.73 6.44
CA GLU A 52 -8.47 5.48 6.16
C GLU A 52 -8.29 6.44 4.99
N GLY A 53 -7.25 7.26 5.04
CA GLY A 53 -7.00 8.22 3.98
C GLY A 53 -6.70 7.58 2.63
N ASN A 54 -6.05 6.42 2.64
CA ASN A 54 -5.73 5.73 1.41
C ASN A 54 -6.87 4.93 0.79
N TRP A 55 -7.71 4.32 1.62
CA TRP A 55 -8.76 3.46 1.09
C TRP A 55 -10.22 3.79 1.35
N ARG A 56 -10.47 4.94 1.96
CA ARG A 56 -11.82 5.36 2.29
C ARG A 56 -12.89 5.03 1.25
N ASN A 57 -12.69 5.53 0.03
CA ASN A 57 -13.65 5.33 -1.05
C ASN A 57 -13.56 4.00 -1.80
N VAL A 58 -12.54 3.20 -1.49
CA VAL A 58 -12.39 1.92 -2.15
C VAL A 58 -12.99 0.78 -1.32
N ILE A 59 -12.83 0.85 -0.01
CA ILE A 59 -13.35 -0.18 0.88
C ILE A 59 -14.80 -0.58 0.63
N PRO A 60 -15.73 0.40 0.56
CA PRO A 60 -17.16 0.10 0.34
C PRO A 60 -17.40 -0.74 -0.91
N ILE A 61 -16.73 -0.38 -1.99
CA ILE A 61 -16.88 -1.09 -3.25
C ILE A 61 -16.40 -2.53 -3.15
N LEU A 62 -15.18 -2.71 -2.63
CA LEU A 62 -14.63 -4.05 -2.51
C LEU A 62 -15.42 -4.89 -1.51
N ALA A 63 -15.87 -4.25 -0.43
CA ALA A 63 -16.61 -4.93 0.62
C ALA A 63 -17.94 -5.55 0.15
N ARG A 64 -18.37 -5.20 -1.05
CA ARG A 64 -19.62 -5.76 -1.57
C ARG A 64 -19.39 -7.21 -1.99
N HIS A 65 -18.12 -7.58 -2.16
CA HIS A 65 -17.79 -8.93 -2.60
C HIS A 65 -16.73 -9.67 -1.78
N TYR A 66 -16.02 -8.96 -0.92
CA TYR A 66 -14.97 -9.59 -0.11
C TYR A 66 -14.88 -9.04 1.30
N ARG A 67 -14.12 -9.74 2.14
CA ARG A 67 -13.88 -9.28 3.50
C ARG A 67 -12.65 -8.38 3.33
N VAL A 68 -12.87 -7.08 3.43
CA VAL A 68 -11.79 -6.11 3.25
C VAL A 68 -11.10 -5.75 4.56
N ILE A 69 -9.77 -5.86 4.56
CA ILE A 69 -8.96 -5.56 5.74
C ILE A 69 -7.85 -4.58 5.36
N ALA A 70 -7.99 -3.32 5.78
CA ALA A 70 -7.00 -2.29 5.49
C ALA A 70 -6.10 -2.15 6.71
N MET A 71 -4.86 -2.61 6.57
CA MET A 71 -3.87 -2.61 7.66
C MET A 71 -2.86 -1.47 7.66
N ASP A 72 -2.63 -0.86 8.82
CA ASP A 72 -1.63 0.19 8.94
C ASP A 72 -0.28 -0.51 9.11
N MET A 73 0.69 -0.15 8.29
CA MET A 73 2.02 -0.75 8.40
C MET A 73 2.73 -0.35 9.68
N LEU A 74 3.73 -1.14 10.03
CA LEU A 74 4.56 -0.91 11.21
C LEU A 74 5.06 0.53 11.15
N GLY A 75 4.83 1.29 12.23
CA GLY A 75 5.28 2.67 12.29
C GLY A 75 4.36 3.72 11.69
N PHE A 76 3.26 3.29 11.07
CA PHE A 76 2.32 4.23 10.46
C PHE A 76 0.95 4.23 11.13
N GLY A 77 0.18 5.28 10.86
CA GLY A 77 -1.17 5.40 11.39
C GLY A 77 -1.31 5.13 12.87
N LYS A 78 -2.15 4.15 13.20
CA LYS A 78 -2.37 3.81 14.60
C LYS A 78 -1.66 2.52 15.02
N THR A 79 -0.89 1.95 14.10
CA THR A 79 -0.14 0.74 14.40
C THR A 79 1.02 1.11 15.30
N ALA A 80 1.50 0.15 16.10
CA ALA A 80 2.60 0.37 17.04
C ALA A 80 3.88 0.91 16.41
N LYS A 81 4.58 1.72 17.19
CA LYS A 81 5.82 2.33 16.74
C LYS A 81 6.92 2.09 17.76
N PRO A 82 7.41 0.85 17.87
CA PRO A 82 8.46 0.52 18.83
C PRO A 82 9.80 1.17 18.45
N ASP A 83 10.69 1.25 19.43
CA ASP A 83 12.00 1.82 19.19
C ASP A 83 12.91 0.77 18.58
N ILE A 84 12.81 0.64 17.25
CA ILE A 84 13.60 -0.35 16.51
C ILE A 84 14.11 0.26 15.22
N GLU A 85 14.88 -0.53 14.48
CA GLU A 85 15.38 -0.08 13.19
C GLU A 85 14.28 -0.42 12.21
N TYR A 86 13.75 0.58 11.53
CA TYR A 86 12.67 0.38 10.57
C TYR A 86 13.20 0.01 9.19
N THR A 87 13.40 -1.29 8.98
CA THR A 87 13.90 -1.78 7.70
C THR A 87 12.75 -2.36 6.89
N GLN A 88 12.97 -2.56 5.59
CA GLN A 88 11.94 -3.13 4.73
C GLN A 88 11.69 -4.55 5.23
N ASP A 89 12.75 -5.20 5.70
CA ASP A 89 12.64 -6.56 6.22
C ASP A 89 11.65 -6.59 7.39
N ARG A 90 11.70 -5.56 8.24
CA ARG A 90 10.83 -5.47 9.40
C ARG A 90 9.36 -5.27 9.00
N ARG A 91 9.11 -4.48 7.95
CA ARG A 91 7.74 -4.27 7.50
C ARG A 91 7.19 -5.57 6.89
N ILE A 92 8.04 -6.31 6.18
CA ILE A 92 7.61 -7.56 5.59
C ILE A 92 7.22 -8.54 6.70
N ARG A 93 8.08 -8.66 7.70
CA ARG A 93 7.81 -9.56 8.82
C ARG A 93 6.53 -9.16 9.52
N HIS A 94 6.33 -7.86 9.68
CA HIS A 94 5.12 -7.37 10.33
C HIS A 94 3.87 -7.81 9.58
N LEU A 95 3.86 -7.63 8.27
CA LEU A 95 2.71 -8.02 7.46
C LEU A 95 2.49 -9.52 7.61
N HIS A 96 3.59 -10.28 7.62
CA HIS A 96 3.51 -11.73 7.78
C HIS A 96 2.82 -12.06 9.11
N ASP A 97 3.26 -11.40 10.17
CA ASP A 97 2.72 -11.62 11.50
C ASP A 97 1.24 -11.20 11.59
N PHE A 98 0.90 -10.10 10.94
CA PHE A 98 -0.49 -9.63 10.95
C PHE A 98 -1.39 -10.68 10.29
N ILE A 99 -0.97 -11.16 9.13
CA ILE A 99 -1.75 -12.17 8.42
C ILE A 99 -1.97 -13.39 9.32
N LYS A 100 -0.90 -13.90 9.92
CA LYS A 100 -0.98 -15.06 10.80
C LYS A 100 -1.89 -14.78 12.01
N ALA A 101 -1.75 -13.59 12.59
CA ALA A 101 -2.54 -13.21 13.76
C ALA A 101 -4.03 -13.06 13.45
N MET A 102 -4.35 -12.74 12.20
CA MET A 102 -5.74 -12.58 11.81
C MET A 102 -6.41 -13.96 11.68
N ASN A 103 -7.74 -13.97 11.69
CA ASN A 103 -8.47 -15.22 11.60
C ASN A 103 -8.84 -15.56 10.16
N PHE A 104 -7.86 -16.06 9.42
CA PHE A 104 -8.07 -16.43 8.02
C PHE A 104 -8.06 -17.94 7.86
N ASP A 105 -9.06 -18.47 7.17
CA ASP A 105 -9.16 -19.91 6.95
C ASP A 105 -8.18 -20.39 5.89
N GLY A 106 -7.80 -19.49 4.98
CA GLY A 106 -6.88 -19.86 3.92
C GLY A 106 -5.97 -18.71 3.49
N LYS A 107 -5.68 -18.65 2.20
CA LYS A 107 -4.82 -17.61 1.67
C LYS A 107 -5.56 -16.27 1.60
N VAL A 108 -4.82 -15.19 1.44
CA VAL A 108 -5.41 -13.86 1.34
C VAL A 108 -4.83 -13.12 0.15
N SER A 109 -5.58 -12.16 -0.37
CA SER A 109 -5.11 -11.35 -1.49
C SER A 109 -4.49 -10.11 -0.87
N ILE A 110 -3.45 -9.58 -1.50
CA ILE A 110 -2.79 -8.39 -0.98
C ILE A 110 -2.76 -7.28 -2.02
N VAL A 111 -3.20 -6.10 -1.63
CA VAL A 111 -3.25 -4.92 -2.49
C VAL A 111 -2.45 -3.80 -1.83
N GLY A 112 -1.40 -3.34 -2.50
CA GLY A 112 -0.59 -2.29 -1.92
C GLY A 112 -0.15 -1.20 -2.86
N ASN A 113 -0.08 0.02 -2.31
CA ASN A 113 0.35 1.20 -3.05
C ASN A 113 1.77 1.55 -2.61
N SER A 114 2.62 1.92 -3.56
CA SER A 114 4.01 2.30 -3.30
C SER A 114 4.69 1.43 -2.23
N MET A 115 5.07 2.01 -1.09
CA MET A 115 5.72 1.23 -0.03
C MET A 115 4.88 0.01 0.39
N GLY A 116 3.56 0.18 0.42
CA GLY A 116 2.68 -0.92 0.78
C GLY A 116 2.78 -2.01 -0.27
N GLY A 117 2.99 -1.60 -1.51
CA GLY A 117 3.12 -2.56 -2.59
C GLY A 117 4.43 -3.33 -2.46
N ALA A 118 5.50 -2.63 -2.13
CA ALA A 118 6.80 -3.28 -1.97
C ALA A 118 6.73 -4.30 -0.84
N THR A 119 5.97 -3.97 0.21
CA THR A 119 5.84 -4.86 1.36
C THR A 119 5.00 -6.09 1.00
N GLY A 120 3.95 -5.89 0.22
CA GLY A 120 3.11 -7.01 -0.19
C GLY A 120 3.93 -7.92 -1.10
N LEU A 121 4.76 -7.31 -1.94
CA LEU A 121 5.60 -8.05 -2.86
C LEU A 121 6.59 -8.90 -2.06
N GLY A 122 7.16 -8.30 -1.02
CA GLY A 122 8.10 -9.03 -0.19
C GLY A 122 7.48 -10.27 0.44
N VAL A 123 6.27 -10.12 0.98
CA VAL A 123 5.56 -11.24 1.60
C VAL A 123 5.22 -12.28 0.53
N SER A 124 4.93 -11.82 -0.69
CA SER A 124 4.59 -12.72 -1.77
C SER A 124 5.76 -13.58 -2.22
N VAL A 125 6.99 -13.18 -1.86
CA VAL A 125 8.15 -13.97 -2.22
C VAL A 125 8.63 -14.82 -1.04
N LEU A 126 8.71 -14.20 0.15
CA LEU A 126 9.14 -14.92 1.34
C LEU A 126 8.10 -15.83 1.98
N HIS A 127 6.83 -15.48 1.85
CA HIS A 127 5.76 -16.28 2.46
C HIS A 127 4.56 -16.46 1.54
N SER A 128 4.81 -16.89 0.31
CA SER A 128 3.74 -17.06 -0.67
C SER A 128 2.65 -18.06 -0.30
N GLU A 129 2.93 -18.97 0.63
CA GLU A 129 1.92 -19.94 1.01
C GLU A 129 0.74 -19.26 1.71
N LEU A 130 0.91 -18.00 2.07
CA LEU A 130 -0.13 -17.23 2.73
C LEU A 130 -0.91 -16.38 1.71
N VAL A 131 -0.33 -16.23 0.52
CA VAL A 131 -0.92 -15.36 -0.49
C VAL A 131 -1.55 -16.03 -1.71
N ASN A 132 -2.73 -15.52 -2.08
CA ASN A 132 -3.51 -16.01 -3.22
C ASN A 132 -3.31 -15.12 -4.46
N ALA A 133 -3.27 -13.81 -4.25
CA ALA A 133 -3.11 -12.85 -5.35
C ALA A 133 -2.46 -11.58 -4.83
N LEU A 134 -1.80 -10.86 -5.73
CA LEU A 134 -1.11 -9.62 -5.39
C LEU A 134 -1.42 -8.49 -6.37
N VAL A 135 -1.66 -7.30 -5.83
CA VAL A 135 -1.94 -6.13 -6.66
C VAL A 135 -0.90 -5.07 -6.32
N LEU A 136 -0.09 -4.70 -7.30
CA LEU A 136 0.94 -3.70 -7.09
C LEU A 136 0.47 -2.43 -7.79
N MET A 137 0.29 -1.38 -7.01
CA MET A 137 -0.22 -0.13 -7.54
C MET A 137 0.80 0.98 -7.32
N GLY A 138 1.45 1.42 -8.41
CA GLY A 138 2.46 2.45 -8.29
C GLY A 138 3.45 1.98 -7.24
N SER A 139 3.60 0.67 -7.17
CA SER A 139 4.46 0.02 -6.20
C SER A 139 5.95 0.32 -6.27
N ALA A 140 6.54 0.48 -5.10
CA ALA A 140 7.96 0.70 -4.97
C ALA A 140 8.59 -0.69 -5.15
N GLY A 141 9.90 -0.75 -5.35
CA GLY A 141 10.57 -2.03 -5.51
C GLY A 141 11.59 -2.02 -6.62
N LEU A 142 11.32 -1.24 -7.65
CA LEU A 142 12.25 -1.14 -8.76
C LEU A 142 12.87 0.24 -8.80
N VAL A 143 14.18 0.25 -9.03
CA VAL A 143 14.93 1.48 -9.13
C VAL A 143 14.76 2.12 -10.49
N VAL A 144 14.21 1.36 -11.44
CA VAL A 144 14.04 1.86 -12.82
C VAL A 144 14.44 3.30 -13.14
N GLU A 145 15.63 3.36 -13.73
CA GLU A 145 16.36 4.54 -14.11
C GLU A 145 17.61 3.84 -13.57
N TYR A 156 9.12 17.19 2.39
CA TYR A 156 7.95 17.63 3.21
C TYR A 156 8.43 18.38 4.45
N ASP A 157 7.87 19.56 4.67
CA ASP A 157 8.24 20.40 5.81
C ASP A 157 7.25 20.33 6.97
N PHE A 158 6.28 19.42 6.87
CA PHE A 158 5.27 19.23 7.89
C PHE A 158 4.37 20.43 8.19
N THR A 159 3.93 21.10 7.12
CA THR A 159 3.03 22.23 7.24
C THR A 159 1.78 21.81 6.48
N ARG A 160 0.63 22.40 6.81
CA ARG A 160 -0.59 22.02 6.10
C ARG A 160 -0.42 22.32 4.62
N GLU A 161 0.16 23.47 4.31
CA GLU A 161 0.39 23.86 2.93
C GLU A 161 1.37 22.92 2.23
N GLY A 162 2.35 22.43 2.98
CA GLY A 162 3.32 21.52 2.41
C GLY A 162 2.62 20.23 2.00
N MET A 163 1.60 19.85 2.78
CA MET A 163 0.83 18.64 2.51
C MET A 163 -0.02 18.83 1.26
N VAL A 164 -0.54 20.05 1.08
CA VAL A 164 -1.35 20.36 -0.09
C VAL A 164 -0.49 20.24 -1.34
N HIS A 165 0.70 20.83 -1.28
CA HIS A 165 1.61 20.78 -2.41
C HIS A 165 2.01 19.35 -2.74
N LEU A 166 2.22 18.53 -1.70
CA LEU A 166 2.60 17.15 -1.91
C LEU A 166 1.51 16.36 -2.63
N VAL A 167 0.27 16.49 -2.16
CA VAL A 167 -0.84 15.77 -2.77
C VAL A 167 -1.03 16.19 -4.24
N LYS A 168 -0.97 17.49 -4.50
CA LYS A 168 -1.12 17.98 -5.86
C LYS A 168 0.00 17.45 -6.74
N ALA A 169 1.21 17.41 -6.19
CA ALA A 169 2.38 16.94 -6.92
C ALA A 169 2.31 15.46 -7.31
N LEU A 170 1.77 14.64 -6.41
CA LEU A 170 1.68 13.19 -6.65
C LEU A 170 0.43 12.71 -7.38
N THR A 171 -0.47 13.64 -7.69
CA THR A 171 -1.71 13.29 -8.37
C THR A 171 -1.80 13.93 -9.76
N ASN A 172 -2.72 13.44 -10.58
CA ASN A 172 -2.91 13.97 -11.92
C ASN A 172 -3.45 15.40 -11.86
N ASP A 173 -3.16 16.18 -12.89
CA ASP A 173 -3.58 17.59 -12.95
C ASP A 173 -5.07 17.84 -12.76
N GLY A 174 -5.88 16.80 -12.88
CA GLY A 174 -7.31 16.97 -12.71
C GLY A 174 -7.84 16.63 -11.32
N PHE A 175 -6.95 16.16 -10.45
CA PHE A 175 -7.34 15.79 -9.10
C PHE A 175 -7.76 17.00 -8.27
N LYS A 176 -8.96 16.92 -7.69
CA LYS A 176 -9.48 18.01 -6.86
C LYS A 176 -9.16 17.75 -5.40
N ILE A 177 -8.39 18.67 -4.81
CA ILE A 177 -8.00 18.54 -3.41
C ILE A 177 -9.22 18.64 -2.49
N ASP A 178 -9.24 17.83 -1.44
CA ASP A 178 -10.35 17.81 -0.48
C ASP A 178 -9.82 18.15 0.91
N ASP A 179 -10.06 19.38 1.36
CA ASP A 179 -9.61 19.84 2.67
C ASP A 179 -9.72 18.80 3.78
N ALA A 180 -10.87 18.16 3.88
CA ALA A 180 -11.08 17.13 4.91
C ALA A 180 -9.99 16.07 4.83
N MET A 181 -9.71 15.63 3.61
CA MET A 181 -8.69 14.61 3.39
C MET A 181 -7.31 15.14 3.74
N ILE A 182 -7.06 16.41 3.42
CA ILE A 182 -5.78 17.03 3.72
C ILE A 182 -5.60 17.15 5.23
N ASN A 183 -6.63 17.63 5.92
CA ASN A 183 -6.56 17.80 7.38
C ASN A 183 -6.33 16.46 8.08
N SER A 184 -7.03 15.44 7.64
CA SER A 184 -6.89 14.11 8.23
C SER A 184 -5.46 13.60 8.10
N ARG A 185 -4.90 13.68 6.89
CA ARG A 185 -3.54 13.23 6.65
C ARG A 185 -2.53 14.07 7.42
N TYR A 186 -2.76 15.38 7.46
CA TYR A 186 -1.87 16.28 8.17
C TYR A 186 -1.88 15.96 9.66
N THR A 187 -3.05 15.64 10.20
CA THR A 187 -3.19 15.31 11.61
C THR A 187 -2.34 14.08 11.95
N TYR A 188 -2.39 13.06 11.09
CA TYR A 188 -1.61 11.85 11.32
C TYR A 188 -0.12 12.12 11.19
N ALA A 189 0.25 12.97 10.23
CA ALA A 189 1.65 13.29 9.98
C ALA A 189 2.29 14.16 11.06
N THR A 190 1.46 14.90 11.80
CA THR A 190 1.94 15.78 12.85
C THR A 190 2.13 15.06 14.18
N ASP A 191 1.30 14.06 14.45
CA ASP A 191 1.41 13.29 15.69
C ASP A 191 2.88 12.98 15.89
N GLU A 192 3.48 13.53 16.95
CA GLU A 192 4.90 13.32 17.18
C GLU A 192 5.40 11.88 17.17
N ALA A 193 4.62 10.94 17.69
CA ALA A 193 5.06 9.54 17.68
C ALA A 193 5.11 9.04 16.23
N THR A 194 4.08 9.40 15.47
CA THR A 194 3.98 9.01 14.06
C THR A 194 5.11 9.66 13.27
N ARG A 195 5.40 10.92 13.58
CA ARG A 195 6.44 11.65 12.88
C ARG A 195 7.80 11.06 13.17
N LYS A 196 8.03 10.66 14.42
CA LYS A 196 9.31 10.06 14.81
C LYS A 196 9.55 8.76 14.05
N ALA A 197 8.53 7.92 13.96
CA ALA A 197 8.66 6.65 13.25
C ALA A 197 8.86 6.91 11.76
N TYR A 198 8.20 7.95 11.24
CA TYR A 198 8.32 8.28 9.83
C TYR A 198 9.74 8.71 9.51
N VAL A 199 10.32 9.51 10.39
CA VAL A 199 11.69 9.97 10.20
C VAL A 199 12.65 8.79 10.17
N ALA A 200 12.45 7.85 11.10
CA ALA A 200 13.30 6.65 11.17
C ALA A 200 13.10 5.80 9.92
N THR A 201 11.85 5.68 9.47
CA THR A 201 11.54 4.90 8.28
C THR A 201 12.27 5.46 7.06
N MET A 202 12.19 6.77 6.87
CA MET A 202 12.83 7.43 5.73
C MET A 202 14.36 7.40 5.82
N GLN A 203 14.87 7.42 7.04
CA GLN A 203 16.32 7.40 7.26
C GLN A 203 16.92 6.12 6.71
N TRP A 204 16.32 4.98 7.06
CA TRP A 204 16.81 3.69 6.59
C TRP A 204 16.77 3.63 5.07
N ILE A 205 15.65 4.04 4.49
CA ILE A 205 15.50 4.02 3.04
C ILE A 205 16.60 4.89 2.41
N ARG A 206 16.78 6.08 2.98
CA ARG A 206 17.78 7.04 2.51
C ARG A 206 19.19 6.43 2.53
N GLU A 207 19.49 5.69 3.60
CA GLU A 207 20.79 5.07 3.76
C GLU A 207 21.03 3.87 2.83
N GLN A 208 19.97 3.41 2.17
CA GLN A 208 20.10 2.29 1.24
C GLN A 208 20.12 2.81 -0.19
N GLY A 209 19.76 4.09 -0.36
CA GLY A 209 19.73 4.67 -1.69
C GLY A 209 18.35 4.49 -2.29
N GLY A 210 17.37 4.23 -1.44
CA GLY A 210 16.01 4.04 -1.91
C GLY A 210 15.42 2.73 -1.45
N LEU A 211 14.12 2.55 -1.69
CA LEU A 211 13.41 1.33 -1.31
C LEU A 211 13.29 0.48 -2.57
N PHE A 212 14.10 -0.57 -2.68
CA PHE A 212 14.05 -1.39 -3.89
C PHE A 212 14.49 -2.83 -3.66
N TYR A 213 14.26 -3.65 -4.67
CA TYR A 213 14.66 -5.05 -4.68
C TYR A 213 15.40 -5.25 -5.97
N ASP A 214 16.26 -6.27 -6.02
CA ASP A 214 16.97 -6.55 -7.25
C ASP A 214 15.92 -7.14 -8.17
N PRO A 215 16.06 -6.92 -9.49
CA PRO A 215 15.07 -7.50 -10.39
C PRO A 215 14.93 -9.01 -10.20
N GLU A 216 16.03 -9.64 -9.75
CA GLU A 216 16.02 -11.09 -9.53
C GLU A 216 15.03 -11.50 -8.44
N PHE A 217 14.88 -10.64 -7.44
CA PHE A 217 13.95 -10.90 -6.34
C PHE A 217 12.53 -10.79 -6.87
N ILE A 218 12.28 -9.75 -7.66
CA ILE A 218 10.96 -9.52 -8.24
C ILE A 218 10.52 -10.67 -9.16
N ARG A 219 11.48 -11.29 -9.82
CA ARG A 219 11.21 -12.40 -10.73
C ARG A 219 10.72 -13.64 -9.95
N LYS A 220 10.85 -13.60 -8.63
CA LYS A 220 10.42 -14.68 -7.75
C LYS A 220 8.93 -14.62 -7.41
N VAL A 221 8.26 -13.55 -7.80
CA VAL A 221 6.83 -13.44 -7.53
C VAL A 221 6.13 -14.45 -8.44
N GLN A 222 5.51 -15.47 -7.86
CA GLN A 222 4.86 -16.52 -8.63
C GLN A 222 3.32 -16.51 -8.57
N VAL A 223 2.77 -15.76 -7.62
CA VAL A 223 1.31 -15.67 -7.47
C VAL A 223 0.73 -14.76 -8.56
N PRO A 224 -0.56 -14.95 -8.92
CA PRO A 224 -1.11 -14.08 -9.94
C PRO A 224 -1.00 -12.65 -9.44
N THR A 225 -0.55 -11.76 -10.31
CA THR A 225 -0.32 -10.38 -9.93
C THR A 225 -0.95 -9.39 -10.91
N LEU A 226 -1.42 -8.27 -10.37
CA LEU A 226 -1.99 -7.21 -11.18
C LEU A 226 -1.13 -5.97 -10.93
N VAL A 227 -0.47 -5.49 -11.96
CA VAL A 227 0.38 -4.30 -11.85
C VAL A 227 -0.46 -3.12 -12.32
N VAL A 228 -0.87 -2.26 -11.38
CA VAL A 228 -1.68 -1.08 -11.70
C VAL A 228 -0.76 0.12 -11.75
N GLN A 229 -0.91 0.94 -12.78
CA GLN A 229 -0.01 2.07 -12.95
C GLN A 229 -0.63 3.31 -13.61
N GLY A 230 -0.37 4.46 -13.01
CA GLY A 230 -0.84 5.72 -13.55
C GLY A 230 0.14 6.15 -14.61
N LYS A 231 -0.36 6.56 -15.77
CA LYS A 231 0.50 6.98 -16.86
C LYS A 231 1.29 8.23 -16.53
N ASP A 232 0.74 9.07 -15.68
CA ASP A 232 1.39 10.33 -15.30
C ASP A 232 2.07 10.31 -13.93
N ASP A 233 2.36 9.11 -13.43
CA ASP A 233 3.03 8.95 -12.13
C ASP A 233 4.43 9.53 -12.21
N LYS A 234 4.73 10.51 -11.37
CA LYS A 234 6.05 11.15 -11.35
C LYS A 234 7.02 10.45 -10.41
N VAL A 235 6.50 9.70 -9.45
CA VAL A 235 7.33 8.97 -8.49
C VAL A 235 7.79 7.65 -9.12
N VAL A 236 6.83 6.89 -9.63
CA VAL A 236 7.13 5.62 -10.29
C VAL A 236 6.72 5.75 -11.76
N PRO A 237 7.71 5.93 -12.66
CA PRO A 237 7.44 6.07 -14.09
C PRO A 237 6.65 4.89 -14.65
N VAL A 238 5.87 5.14 -15.70
CA VAL A 238 5.07 4.08 -16.30
C VAL A 238 5.93 2.94 -16.82
N GLU A 239 7.16 3.26 -17.25
CA GLU A 239 8.06 2.24 -17.75
C GLU A 239 8.31 1.17 -16.69
N THR A 240 8.20 1.56 -15.41
CA THR A 240 8.40 0.64 -14.29
C THR A 240 7.40 -0.51 -14.34
N ALA A 241 6.18 -0.19 -14.73
CA ALA A 241 5.13 -1.20 -14.84
C ALA A 241 5.52 -2.21 -15.91
N TYR A 242 6.03 -1.70 -17.02
CA TYR A 242 6.43 -2.55 -18.13
C TYR A 242 7.53 -3.50 -17.67
N LYS A 243 8.41 -3.01 -16.79
CA LYS A 243 9.49 -3.86 -16.29
C LYS A 243 8.91 -4.92 -15.34
N PHE A 244 7.96 -4.53 -14.49
CA PHE A 244 7.33 -5.48 -13.58
C PHE A 244 6.65 -6.58 -14.40
N LEU A 245 6.01 -6.17 -15.49
CA LEU A 245 5.30 -7.11 -16.36
C LEU A 245 6.25 -8.10 -17.03
N ASP A 246 7.49 -7.67 -17.27
CA ASP A 246 8.49 -8.52 -17.87
C ASP A 246 9.06 -9.51 -16.84
N LEU A 247 9.23 -9.03 -15.61
CA LEU A 247 9.79 -9.84 -14.53
C LEU A 247 8.86 -10.83 -13.86
N ILE A 248 7.61 -10.42 -13.62
CA ILE A 248 6.65 -11.30 -12.96
C ILE A 248 5.90 -12.14 -13.99
N ASP A 249 6.16 -13.45 -14.00
CA ASP A 249 5.55 -14.34 -14.98
C ASP A 249 4.03 -14.39 -15.03
N ASP A 250 3.38 -14.37 -13.87
CA ASP A 250 1.92 -14.42 -13.87
C ASP A 250 1.31 -13.05 -13.58
N SER A 251 1.85 -12.03 -14.23
CA SER A 251 1.33 -10.68 -14.01
C SER A 251 0.51 -10.10 -15.15
N TRP A 252 -0.57 -9.44 -14.77
CA TRP A 252 -1.48 -8.75 -15.69
C TRP A 252 -1.12 -7.29 -15.49
N GLY A 253 -1.43 -6.45 -16.48
CA GLY A 253 -1.13 -5.05 -16.35
C GLY A 253 -2.37 -4.21 -16.58
N TYR A 254 -2.51 -3.13 -15.80
CA TYR A 254 -3.64 -2.20 -15.95
C TYR A 254 -3.07 -0.79 -15.90
N ILE A 255 -3.04 -0.15 -17.07
CA ILE A 255 -2.49 1.19 -17.21
C ILE A 255 -3.63 2.20 -17.29
N ILE A 256 -3.55 3.21 -16.44
CA ILE A 256 -4.58 4.25 -16.34
C ILE A 256 -4.10 5.63 -16.79
N PRO A 257 -4.85 6.26 -17.70
CA PRO A 257 -4.46 7.59 -18.19
C PRO A 257 -4.90 8.68 -17.20
N HIS A 258 -4.27 9.85 -17.28
CA HIS A 258 -4.64 10.98 -16.41
C HIS A 258 -4.68 10.51 -14.96
N CYS A 259 -3.63 9.82 -14.56
CA CYS A 259 -3.54 9.27 -13.22
C CYS A 259 -2.12 9.38 -12.72
N GLY A 260 -1.98 9.84 -11.48
CA GLY A 260 -0.67 10.01 -10.88
C GLY A 260 -0.23 8.78 -10.10
N HIS A 261 0.39 9.03 -8.95
CA HIS A 261 0.93 7.98 -8.09
C HIS A 261 -0.09 7.28 -7.17
N TRP A 262 -1.28 7.86 -7.03
CA TRP A 262 -2.33 7.28 -6.16
C TRP A 262 -3.63 6.92 -6.88
N ALA A 263 -3.60 5.91 -7.74
CA ALA A 263 -4.79 5.50 -8.47
C ALA A 263 -6.01 5.27 -7.59
N MET A 264 -5.83 4.62 -6.45
CA MET A 264 -6.96 4.34 -5.55
C MET A 264 -7.62 5.59 -4.97
N ILE A 265 -6.89 6.70 -4.94
CA ILE A 265 -7.43 7.95 -4.42
C ILE A 265 -7.94 8.83 -5.55
N GLU A 266 -7.18 8.90 -6.64
CA GLU A 266 -7.55 9.73 -7.80
C GLU A 266 -8.74 9.19 -8.59
N HIS A 267 -8.85 7.87 -8.69
CA HIS A 267 -9.94 7.24 -9.42
C HIS A 267 -10.37 6.00 -8.66
N PRO A 268 -11.00 6.18 -7.49
CA PRO A 268 -11.44 5.03 -6.67
C PRO A 268 -12.33 3.99 -7.36
N GLU A 269 -13.36 4.45 -8.07
CA GLU A 269 -14.26 3.53 -8.76
C GLU A 269 -13.52 2.71 -9.81
N ASP A 270 -12.68 3.39 -10.57
CA ASP A 270 -11.91 2.73 -11.62
C ASP A 270 -11.00 1.67 -11.00
N PHE A 271 -10.23 2.08 -9.98
CA PHE A 271 -9.33 1.15 -9.34
C PHE A 271 -10.03 -0.04 -8.67
N ALA A 272 -11.10 0.24 -7.94
CA ALA A 272 -11.85 -0.79 -7.24
C ALA A 272 -12.43 -1.83 -8.20
N ASN A 273 -12.98 -1.36 -9.30
CA ASN A 273 -13.56 -2.24 -10.30
C ASN A 273 -12.50 -3.10 -10.98
N ALA A 274 -11.36 -2.50 -11.29
CA ALA A 274 -10.27 -3.23 -11.94
C ALA A 274 -9.79 -4.33 -10.98
N THR A 275 -9.79 -4.01 -9.69
CA THR A 275 -9.35 -4.97 -8.68
C THR A 275 -10.38 -6.09 -8.53
N LEU A 276 -11.66 -5.73 -8.51
CA LEU A 276 -12.72 -6.72 -8.39
C LEU A 276 -12.65 -7.70 -9.55
N SER A 277 -12.47 -7.15 -10.75
CA SER A 277 -12.38 -7.96 -11.96
C SER A 277 -11.20 -8.93 -11.87
N PHE A 278 -10.04 -8.42 -11.45
CA PHE A 278 -8.85 -9.26 -11.32
C PHE A 278 -9.08 -10.38 -10.32
N LEU A 279 -9.58 -10.04 -9.13
CA LEU A 279 -9.83 -11.03 -8.10
C LEU A 279 -10.91 -12.06 -8.47
N SER A 280 -11.86 -11.67 -9.31
CA SER A 280 -12.93 -12.59 -9.71
C SER A 280 -12.39 -13.76 -10.53
N LEU A 281 -11.33 -13.53 -11.28
CA LEU A 281 -10.72 -14.57 -12.09
C LEU A 281 -9.89 -15.49 -11.21
N ARG A 282 -9.22 -14.90 -10.23
CA ARG A 282 -8.36 -15.66 -9.32
C ARG A 282 -9.13 -16.22 -8.13
#